data_5AJV
#
_entry.id   5AJV
#
_cell.length_a   102.630
_cell.length_b   102.630
_cell.length_c   258.210
_cell.angle_alpha   90.00
_cell.angle_beta   90.00
_cell.angle_gamma   120.00
#
_symmetry.space_group_name_H-M   'P 65 2 2'
#
loop_
_entity.id
_entity.type
_entity.pdbx_description
1 polymer 'HUMAN PFKFB3'
2 non-polymer 'PHOSPHATE ION'
3 non-polymer (2S)-2-amino-N-[4-[(2-amino-3-cyano-1H-indol-5-yl)oxy]phenyl]-3-hydroxy-propanamide
4 non-polymer 2,6-di-O-phosphono-beta-D-fructofuranose
5 water water
#
_entity_poly.entity_id   1
_entity_poly.type   'polypeptide(L)'
_entity_poly.pdbx_seq_one_letter_code
;MPLELTQSRVQKIWVPVDHRPSLPRSCGPKLTNSPTVIVMVGLPARGKTYISKKLTRYLNWIGVPTKVFNVGEYRREAVK
QYSSYNFFRPDNEEAMKVRKQCALAALRDVKSYLAKEGGQIAVFDATNTTRERRHMILHFAKENDFKAFFIESVCDDPTV
VASNIMEVKISSPDYKDCNSAEAMDDFMKRISCYEASYQPLDPDKCDRDLSLIKVIDVGRRFLVNRVQDHIQSRIVYYLM
NIHVQPRTIYLCRHGENEHNLQGRIGGDSGLSSRGKKFASALSKFVEEQNLKDLRVWTSQLKSTIQTAEALRLPYEQWKA
LNEIDAGVCEELTYEEIRDTYPEEYALREQDKYYYRYPTGESYQDLVQRLEPVIMELERQENVLVICHQAVLRCLLAYFL
DKSAEEMPYLKCPLHTVLKLTPVAYGCRVESIYLNVESVCTHRERSEDAKKGPNPLMRRNSVTPLASPEPTKKPRINSFE
EHVASTSAALPSCLPPEVPTQLPGQNMKGSRSSADSSRKH
;
_entity_poly.pdbx_strand_id   B
#
loop_
_chem_comp.id
_chem_comp.type
_chem_comp.name
_chem_comp.formula
8R2 non-polymer (2S)-2-amino-N-[4-[(2-amino-3-cyano-1H-indol-5-yl)oxy]phenyl]-3-hydroxy-propanamide 'C18 H17 N5 O3'
FDP D-saccharide, beta linking 2,6-di-O-phosphono-beta-D-fructofuranose 'C6 H14 O12 P2'
PO4 non-polymer 'PHOSPHATE ION' 'O4 P -3'
#
# COMPACT_ATOMS: atom_id res chain seq x y z
N LEU A 3 23.75 8.62 -34.85
CA LEU A 3 22.89 8.02 -33.76
C LEU A 3 22.85 8.88 -32.48
N GLU A 4 22.67 10.19 -32.68
CA GLU A 4 22.73 11.21 -31.61
C GLU A 4 21.69 10.99 -30.49
N LEU A 5 22.09 11.26 -29.26
CA LEU A 5 21.21 11.12 -28.10
C LEU A 5 21.51 12.15 -27.00
N THR A 6 20.50 12.45 -26.18
CA THR A 6 20.55 13.54 -25.16
C THR A 6 19.98 13.15 -23.80
N GLN A 7 20.70 13.47 -22.73
CA GLN A 7 20.33 13.04 -21.36
C GLN A 7 19.29 13.98 -20.74
N SER A 8 18.10 13.48 -20.39
CA SER A 8 17.09 14.35 -19.74
C SER A 8 17.64 14.92 -18.41
N ARG A 9 17.09 16.06 -17.99
CA ARG A 9 17.71 16.82 -16.90
C ARG A 9 17.30 16.35 -15.52
N VAL A 10 16.00 16.07 -15.36
CA VAL A 10 15.45 15.60 -14.09
C VAL A 10 15.94 14.17 -13.78
N GLN A 11 15.37 13.22 -14.50
CA GLN A 11 15.58 11.78 -14.30
C GLN A 11 16.86 11.28 -14.93
N LYS A 12 17.43 12.03 -15.87
CA LYS A 12 18.75 11.69 -16.38
C LYS A 12 18.70 10.41 -17.23
N ILE A 13 17.60 10.22 -17.94
CA ILE A 13 17.46 9.18 -18.95
C ILE A 13 17.92 9.64 -20.34
N TRP A 14 18.76 8.88 -21.03
CA TRP A 14 19.01 9.25 -22.41
C TRP A 14 17.83 8.98 -23.27
N VAL A 15 17.64 9.91 -24.20
CA VAL A 15 16.55 9.88 -25.19
C VAL A 15 17.05 10.45 -26.51
N PRO A 16 16.38 10.05 -27.60
CA PRO A 16 16.83 10.41 -28.95
C PRO A 16 16.52 11.86 -29.36
N VAL A 17 17.48 12.68 -29.79
CA VAL A 17 17.07 14.00 -30.30
C VAL A 17 16.14 13.73 -31.48
N ASP A 18 14.86 14.13 -31.37
CA ASP A 18 13.93 14.11 -32.53
C ASP A 18 13.58 15.56 -33.02
N HIS A 19 14.63 16.37 -33.16
CA HIS A 19 14.51 17.79 -33.41
C HIS A 19 14.06 18.00 -34.81
N LEU A 23 6.16 20.27 -37.01
CA LEU A 23 4.87 20.33 -36.32
C LEU A 23 4.79 19.27 -35.17
N PRO A 24 5.73 19.30 -34.20
CA PRO A 24 5.83 18.12 -33.32
C PRO A 24 4.46 17.46 -33.16
N ARG A 25 4.26 16.29 -33.78
CA ARG A 25 3.00 15.54 -33.69
C ARG A 25 3.02 14.81 -32.35
N SER A 26 1.85 14.33 -31.93
CA SER A 26 1.69 13.54 -30.72
C SER A 26 0.42 12.70 -30.86
N ASN A 33 -0.31 -3.78 -23.39
CA ASN A 33 -0.74 -3.78 -21.98
C ASN A 33 -2.07 -3.01 -21.83
N SER A 34 -3.17 -3.70 -22.11
CA SER A 34 -4.50 -3.16 -21.83
C SER A 34 -4.75 -3.08 -20.31
N PRO A 35 -5.72 -2.23 -19.89
CA PRO A 35 -5.97 -2.12 -18.46
C PRO A 35 -6.77 -3.31 -17.98
N THR A 36 -6.76 -3.54 -16.66
CA THR A 36 -7.47 -4.68 -16.10
C THR A 36 -8.56 -4.16 -15.19
N VAL A 37 -9.67 -4.90 -15.19
CA VAL A 37 -10.67 -4.76 -14.15
C VAL A 37 -10.53 -5.95 -13.21
N ILE A 38 -10.04 -5.70 -12.00
CA ILE A 38 -10.08 -6.72 -10.95
C ILE A 38 -11.49 -6.75 -10.42
N VAL A 39 -12.17 -7.89 -10.59
CA VAL A 39 -13.54 -8.04 -10.19
C VAL A 39 -13.61 -8.84 -8.92
N MET A 40 -13.92 -8.20 -7.79
CA MET A 40 -14.12 -8.90 -6.53
C MET A 40 -15.38 -9.80 -6.61
N VAL A 41 -15.37 -10.96 -5.95
CA VAL A 41 -16.56 -11.81 -5.87
C VAL A 41 -16.67 -12.45 -4.49
N GLY A 42 -17.87 -12.36 -3.90
CA GLY A 42 -18.16 -13.07 -2.64
C GLY A 42 -19.28 -12.51 -1.80
N LEU A 43 -19.71 -13.33 -0.84
CA LEU A 43 -20.68 -12.88 0.14
C LEU A 43 -20.06 -11.74 0.97
N PRO A 44 -20.90 -10.96 1.69
CA PRO A 44 -20.35 -9.92 2.58
C PRO A 44 -19.58 -10.45 3.75
N ALA A 45 -18.87 -9.55 4.43
CA ALA A 45 -18.01 -9.93 5.56
C ALA A 45 -16.98 -10.95 5.14
N ARG A 46 -16.55 -10.92 3.88
CA ARG A 46 -15.50 -11.83 3.41
C ARG A 46 -14.15 -11.17 3.10
N GLY A 47 -14.03 -9.89 3.43
CA GLY A 47 -12.77 -9.16 3.31
C GLY A 47 -12.47 -8.73 1.91
N LYS A 48 -13.52 -8.64 1.10
CA LYS A 48 -13.38 -8.12 -0.27
C LYS A 48 -12.84 -6.66 -0.32
N THR A 49 -13.29 -5.80 0.59
CA THR A 49 -12.82 -4.42 0.62
C THR A 49 -11.42 -4.33 1.20
N TYR A 50 -11.10 -5.21 2.14
CA TYR A 50 -9.78 -5.29 2.74
C TYR A 50 -8.74 -5.76 1.75
N ILE A 51 -9.04 -6.82 1.02
CA ILE A 51 -8.18 -7.24 -0.05
C ILE A 51 -8.13 -6.14 -1.06
N SER A 52 -9.20 -5.39 -1.24
CA SER A 52 -9.20 -4.38 -2.28
C SER A 52 -8.31 -3.20 -1.95
N LYS A 53 -8.45 -2.70 -0.74
CA LYS A 53 -7.67 -1.56 -0.33
C LYS A 53 -6.24 -1.97 -0.37
N LYS A 54 -5.94 -3.13 0.18
CA LYS A 54 -4.57 -3.52 0.34
C LYS A 54 -3.84 -3.72 -1.00
N LEU A 55 -4.45 -4.43 -1.96
CA LEU A 55 -3.92 -4.45 -3.35
C LEU A 55 -3.72 -3.06 -3.93
N THR A 56 -4.72 -2.18 -3.79
CA THR A 56 -4.61 -0.85 -4.40
C THR A 56 -3.41 -0.09 -3.86
N ARG A 57 -3.12 -0.29 -2.58
CA ARG A 57 -2.03 0.38 -1.88
C ARG A 57 -0.74 -0.16 -2.45
N TYR A 58 -0.64 -1.47 -2.56
CA TYR A 58 0.52 -2.08 -3.20
C TYR A 58 0.80 -1.53 -4.61
N LEU A 59 -0.21 -1.61 -5.48
CA LEU A 59 -0.03 -1.34 -6.92
C LEU A 59 0.33 0.13 -7.19
N ASN A 60 -0.34 1.05 -6.50
CA ASN A 60 -0.02 2.44 -6.65
C ASN A 60 1.35 2.69 -6.18
N TRP A 61 1.82 1.88 -5.24
CA TRP A 61 3.13 2.10 -4.71
C TRP A 61 4.15 1.47 -5.59
N ILE A 62 3.92 0.31 -6.22
CA ILE A 62 4.93 -0.14 -7.21
C ILE A 62 4.72 0.61 -8.51
N GLY A 63 3.95 1.71 -8.49
CA GLY A 63 3.81 2.61 -9.65
C GLY A 63 2.66 2.41 -10.61
N VAL A 64 1.95 1.30 -10.55
CA VAL A 64 0.72 1.11 -11.37
C VAL A 64 -0.52 1.92 -10.82
N PRO A 65 -0.99 2.93 -11.59
CA PRO A 65 -2.17 3.65 -11.09
C PRO A 65 -3.44 2.78 -10.94
N THR A 66 -4.06 2.88 -9.78
CA THR A 66 -5.12 1.96 -9.38
C THR A 66 -6.14 2.67 -8.48
N LYS A 67 -7.40 2.37 -8.68
CA LYS A 67 -8.47 3.04 -7.94
C LYS A 67 -9.52 1.98 -7.62
N VAL A 68 -10.02 2.02 -6.39
CA VAL A 68 -11.12 1.15 -5.98
C VAL A 68 -12.47 1.81 -6.24
N PHE A 69 -13.40 1.03 -6.77
CA PHE A 69 -14.73 1.48 -7.09
C PHE A 69 -15.65 0.52 -6.39
N ASN A 70 -15.99 0.89 -5.18
CA ASN A 70 -16.84 0.15 -4.30
C ASN A 70 -18.29 0.53 -4.51
N VAL A 71 -19.12 -0.42 -4.89
CA VAL A 71 -20.50 -0.11 -5.25
C VAL A 71 -21.32 0.44 -4.08
N GLY A 72 -20.93 0.10 -2.86
CA GLY A 72 -21.62 0.58 -1.69
C GLY A 72 -21.65 2.09 -1.62
N GLU A 73 -20.53 2.72 -1.96
CA GLU A 73 -20.37 4.13 -1.67
C GLU A 73 -21.22 4.92 -2.61
N TYR A 74 -21.43 4.33 -3.78
CA TYR A 74 -22.38 4.87 -4.74
C TYR A 74 -23.80 4.77 -4.24
N ARG A 75 -24.10 3.70 -3.53
CA ARG A 75 -25.44 3.50 -2.99
C ARG A 75 -25.64 4.53 -1.91
N ARG A 76 -24.61 4.71 -1.07
CA ARG A 76 -24.64 5.78 -0.06
C ARG A 76 -24.76 7.18 -0.60
N GLU A 77 -24.13 7.50 -1.73
CA GLU A 77 -24.34 8.80 -2.39
C GLU A 77 -25.76 8.89 -3.00
N ALA A 78 -26.46 7.77 -3.15
CA ALA A 78 -27.69 7.74 -3.93
C ALA A 78 -28.94 7.74 -3.06
N VAL A 79 -28.80 7.30 -1.81
CA VAL A 79 -29.96 6.91 -1.02
C VAL A 79 -29.91 7.57 0.37
N LYS A 80 -31.01 8.28 0.70
CA LYS A 80 -31.23 9.02 1.95
C LYS A 80 -30.29 8.54 3.09
N GLN A 81 -30.81 7.79 4.06
CA GLN A 81 -29.97 7.25 5.14
C GLN A 81 -30.38 5.80 5.35
N TYR A 82 -29.42 4.97 5.78
CA TYR A 82 -29.61 3.52 5.93
C TYR A 82 -30.81 3.19 6.82
N SER A 83 -31.85 2.71 6.15
CA SER A 83 -33.01 2.10 6.76
C SER A 83 -32.62 0.84 7.57
N SER A 84 -32.30 -0.25 6.85
CA SER A 84 -32.09 -1.62 7.39
C SER A 84 -31.82 -2.60 6.27
N TYR A 85 -31.62 -3.88 6.63
CA TYR A 85 -31.28 -4.96 5.68
C TYR A 85 -32.39 -5.14 4.65
N ASN A 86 -33.61 -4.73 4.96
CA ASN A 86 -34.71 -4.83 4.03
C ASN A 86 -34.38 -4.24 2.67
N PHE A 87 -33.46 -3.30 2.66
CA PHE A 87 -33.01 -2.66 1.43
C PHE A 87 -32.45 -3.67 0.43
N PHE A 88 -31.88 -4.71 1.00
CA PHE A 88 -31.16 -5.70 0.25
C PHE A 88 -31.97 -6.93 -0.12
N ARG A 89 -33.19 -7.04 0.40
CA ARG A 89 -34.05 -8.18 0.06
C ARG A 89 -34.12 -8.33 -1.45
N PRO A 90 -33.95 -9.58 -1.97
CA PRO A 90 -34.15 -9.77 -3.40
C PRO A 90 -35.55 -9.44 -3.89
N ASP A 91 -36.60 -9.54 -3.06
CA ASP A 91 -37.93 -9.03 -3.51
C ASP A 91 -38.12 -7.49 -3.48
N ASN A 92 -37.10 -6.76 -3.04
CA ASN A 92 -37.21 -5.32 -2.97
C ASN A 92 -36.99 -4.79 -4.35
N GLU A 93 -38.06 -4.81 -5.13
CA GLU A 93 -37.99 -4.46 -6.56
C GLU A 93 -37.26 -3.14 -6.82
N GLU A 94 -37.63 -2.11 -6.05
CA GLU A 94 -37.08 -0.76 -6.26
C GLU A 94 -35.65 -0.61 -5.78
N ALA A 95 -35.29 -1.18 -4.63
CA ALA A 95 -33.89 -1.23 -4.25
C ALA A 95 -33.06 -1.88 -5.32
N MET A 96 -33.52 -3.01 -5.86
CA MET A 96 -32.77 -3.72 -6.85
C MET A 96 -32.48 -2.80 -8.03
N LYS A 97 -33.50 -2.09 -8.51
CA LYS A 97 -33.33 -1.13 -9.59
C LYS A 97 -32.24 -0.14 -9.23
N VAL A 98 -32.33 0.45 -8.03
CA VAL A 98 -31.39 1.49 -7.57
C VAL A 98 -30.00 0.92 -7.38
N ARG A 99 -29.92 -0.28 -6.83
CA ARG A 99 -28.64 -0.97 -6.67
C ARG A 99 -28.00 -1.24 -8.03
N LYS A 100 -28.75 -1.79 -8.99
CA LYS A 100 -28.18 -2.04 -10.33
C LYS A 100 -27.67 -0.70 -10.91
N GLN A 101 -28.51 0.35 -10.81
CA GLN A 101 -28.11 1.68 -11.26
C GLN A 101 -26.77 2.12 -10.65
N CYS A 102 -26.62 1.99 -9.35
CA CYS A 102 -25.31 2.20 -8.72
C CYS A 102 -24.19 1.37 -9.37
N ALA A 103 -24.46 0.08 -9.58
CA ALA A 103 -23.50 -0.81 -10.22
C ALA A 103 -23.03 -0.19 -11.56
N LEU A 104 -23.97 0.29 -12.36
CA LEU A 104 -23.63 0.81 -13.68
C LEU A 104 -22.96 2.16 -13.61
N ALA A 105 -23.28 2.97 -12.62
CA ALA A 105 -22.57 4.24 -12.46
C ALA A 105 -21.09 3.92 -12.08
N ALA A 106 -20.89 2.95 -11.18
CA ALA A 106 -19.55 2.48 -10.89
C ALA A 106 -18.86 2.12 -12.20
N LEU A 107 -19.49 1.32 -13.04
CA LEU A 107 -18.87 0.96 -14.30
C LEU A 107 -18.63 2.19 -15.20
N ARG A 108 -19.60 3.10 -15.24
CA ARG A 108 -19.45 4.32 -16.04
C ARG A 108 -18.16 5.02 -15.59
N ASP A 109 -17.95 5.14 -14.29
CA ASP A 109 -16.71 5.77 -13.83
C ASP A 109 -15.47 4.89 -14.07
N VAL A 110 -15.61 3.56 -14.14
CA VAL A 110 -14.46 2.68 -14.39
C VAL A 110 -13.99 2.91 -15.81
N LYS A 111 -14.93 2.89 -16.74
CA LYS A 111 -14.65 3.18 -18.16
C LYS A 111 -13.84 4.44 -18.32
N SER A 112 -14.15 5.49 -17.58
CA SER A 112 -13.47 6.75 -17.84
C SER A 112 -12.16 6.90 -17.04
N TYR A 113 -12.01 6.13 -15.94
CA TYR A 113 -10.72 6.08 -15.22
C TYR A 113 -9.70 5.41 -16.10
N LEU A 114 -10.12 4.37 -16.82
CA LEU A 114 -9.19 3.53 -17.55
C LEU A 114 -9.10 3.87 -19.02
N ALA A 115 -10.15 4.39 -19.63
CA ALA A 115 -10.10 4.71 -21.08
C ALA A 115 -9.72 6.17 -21.33
N LYS A 116 -9.83 7.02 -20.29
CA LYS A 116 -9.81 8.47 -20.45
C LYS A 116 -8.94 9.17 -19.39
N GLU A 117 -8.50 8.50 -18.35
CA GLU A 117 -7.64 9.16 -17.36
C GLU A 117 -6.29 8.37 -17.20
N GLY A 118 -6.06 7.41 -18.11
CA GLY A 118 -5.03 6.38 -17.94
C GLY A 118 -4.72 5.91 -16.52
N GLY A 119 -5.68 5.27 -15.89
CA GLY A 119 -5.38 4.41 -14.78
C GLY A 119 -5.09 3.09 -15.45
N GLN A 120 -4.38 2.19 -14.77
CA GLN A 120 -4.11 0.93 -15.42
C GLN A 120 -5.03 -0.15 -14.84
N ILE A 121 -5.35 -0.10 -13.54
CA ILE A 121 -6.25 -1.12 -12.94
C ILE A 121 -7.41 -0.48 -12.18
N ALA A 122 -8.62 -0.93 -12.40
CA ALA A 122 -9.75 -0.57 -11.49
C ALA A 122 -10.22 -1.80 -10.73
N VAL A 123 -10.34 -1.64 -9.41
CA VAL A 123 -10.88 -2.70 -8.58
C VAL A 123 -12.37 -2.42 -8.37
N PHE A 124 -13.18 -3.35 -8.84
CA PHE A 124 -14.62 -3.26 -8.76
C PHE A 124 -15.09 -4.07 -7.56
N ASP A 125 -15.35 -3.34 -6.46
CA ASP A 125 -15.57 -3.91 -5.16
C ASP A 125 -17.06 -3.99 -4.90
N ALA A 126 -17.61 -5.14 -5.24
CA ALA A 126 -19.02 -5.40 -5.15
C ALA A 126 -19.18 -6.87 -4.91
N THR A 127 -20.35 -7.31 -4.48
CA THR A 127 -20.55 -8.75 -4.21
C THR A 127 -20.35 -9.61 -5.49
N ASN A 128 -21.03 -9.25 -6.59
CA ASN A 128 -20.86 -9.91 -7.90
C ASN A 128 -20.88 -11.41 -7.75
N THR A 129 -21.97 -11.87 -7.14
CA THR A 129 -22.11 -13.23 -6.66
C THR A 129 -23.00 -14.04 -7.57
N THR A 130 -23.51 -13.43 -8.62
CA THR A 130 -24.43 -14.12 -9.51
C THR A 130 -23.78 -14.17 -10.91
N ARG A 131 -23.79 -15.35 -11.54
CA ARG A 131 -23.22 -15.51 -12.89
C ARG A 131 -23.72 -14.48 -13.89
N GLU A 132 -24.98 -14.05 -13.74
CA GLU A 132 -25.54 -13.02 -14.59
C GLU A 132 -24.74 -11.75 -14.47
N ARG A 133 -24.63 -11.23 -13.26
CA ARG A 133 -23.89 -10.01 -13.06
C ARG A 133 -22.47 -10.14 -13.61
N ARG A 134 -21.87 -11.32 -13.48
CA ARG A 134 -20.50 -11.48 -13.93
C ARG A 134 -20.41 -11.50 -15.45
N HIS A 135 -21.47 -11.96 -16.11
CA HIS A 135 -21.56 -11.80 -17.56
C HIS A 135 -21.76 -10.34 -17.92
N MET A 136 -22.56 -9.60 -17.19
CA MET A 136 -22.64 -8.17 -17.48
C MET A 136 -21.24 -7.54 -17.44
N ILE A 137 -20.45 -7.82 -16.42
CA ILE A 137 -19.18 -7.12 -16.32
C ILE A 137 -18.23 -7.58 -17.43
N LEU A 138 -18.18 -8.87 -17.64
CA LEU A 138 -17.31 -9.46 -18.64
C LEU A 138 -17.56 -8.79 -20.01
N HIS A 139 -18.83 -8.65 -20.35
CA HIS A 139 -19.28 -7.98 -21.58
C HIS A 139 -18.72 -6.57 -21.71
N PHE A 140 -18.92 -5.77 -20.67
CA PHE A 140 -18.38 -4.43 -20.54
C PHE A 140 -16.88 -4.41 -20.71
N ALA A 141 -16.19 -5.36 -20.12
CA ALA A 141 -14.75 -5.48 -20.33
C ALA A 141 -14.45 -5.66 -21.82
N LYS A 142 -15.15 -6.58 -22.50
CA LYS A 142 -14.86 -6.90 -23.91
C LYS A 142 -14.97 -5.68 -24.81
N GLU A 143 -16.10 -5.00 -24.72
CA GLU A 143 -16.37 -3.85 -25.54
C GLU A 143 -15.53 -2.63 -25.20
N ASN A 144 -14.67 -2.70 -24.20
CA ASN A 144 -13.73 -1.62 -23.93
C ASN A 144 -12.26 -2.06 -23.99
N ASP A 145 -12.06 -3.31 -24.44
CA ASP A 145 -10.74 -3.95 -24.51
C ASP A 145 -9.97 -3.85 -23.20
N PHE A 146 -10.69 -4.20 -22.13
CA PHE A 146 -10.16 -4.35 -20.78
C PHE A 146 -10.07 -5.82 -20.47
N LYS A 147 -8.99 -6.18 -19.81
CA LYS A 147 -8.83 -7.50 -19.25
C LYS A 147 -9.76 -7.63 -18.06
N ALA A 148 -10.09 -8.86 -17.67
CA ALA A 148 -10.87 -9.09 -16.47
C ALA A 148 -10.23 -10.12 -15.57
N PHE A 149 -9.98 -9.74 -14.32
CA PHE A 149 -9.42 -10.67 -13.33
C PHE A 149 -10.32 -10.78 -12.11
N PHE A 150 -10.75 -11.99 -11.76
CA PHE A 150 -11.62 -12.20 -10.61
C PHE A 150 -10.86 -12.66 -9.36
N ILE A 151 -11.03 -11.95 -8.25
CA ILE A 151 -10.57 -12.41 -6.95
C ILE A 151 -11.83 -12.73 -6.10
N GLU A 152 -12.01 -14.02 -5.78
CA GLU A 152 -13.15 -14.46 -5.00
C GLU A 152 -12.62 -14.90 -3.67
N SER A 153 -13.18 -14.34 -2.61
CA SER A 153 -12.85 -14.73 -1.23
C SER A 153 -14.00 -15.56 -0.69
N VAL A 154 -13.70 -16.77 -0.29
CA VAL A 154 -14.70 -17.75 0.10
C VAL A 154 -14.36 -18.35 1.45
N CYS A 155 -15.26 -18.17 2.41
CA CYS A 155 -15.08 -18.72 3.78
C CYS A 155 -16.40 -18.97 4.47
N ASP A 156 -16.51 -20.12 5.12
CA ASP A 156 -17.76 -20.45 5.86
C ASP A 156 -17.65 -20.48 7.39
N ASP A 157 -16.61 -19.91 7.97
CA ASP A 157 -16.42 -20.00 9.42
C ASP A 157 -17.13 -18.83 10.11
N PRO A 158 -18.13 -19.12 10.95
CA PRO A 158 -18.87 -18.07 11.67
C PRO A 158 -17.95 -17.21 12.54
N THR A 159 -16.88 -17.81 13.04
CA THR A 159 -15.93 -17.04 13.77
C THR A 159 -15.39 -15.98 12.85
N VAL A 160 -14.97 -16.38 11.68
CA VAL A 160 -14.34 -15.39 10.80
C VAL A 160 -15.32 -14.27 10.40
N VAL A 161 -16.60 -14.60 10.23
CA VAL A 161 -17.55 -13.59 9.76
C VAL A 161 -17.89 -12.64 10.88
N ALA A 162 -18.17 -13.21 12.06
CA ALA A 162 -18.50 -12.41 13.24
C ALA A 162 -17.36 -11.42 13.47
N SER A 163 -16.16 -11.96 13.48
CA SER A 163 -14.99 -11.16 13.57
C SER A 163 -15.06 -9.92 12.64
N ASN A 164 -15.17 -10.15 11.33
CA ASN A 164 -15.24 -9.08 10.33
C ASN A 164 -16.31 -8.06 10.69
N ILE A 165 -17.51 -8.58 10.97
CA ILE A 165 -18.69 -7.76 11.23
C ILE A 165 -18.44 -6.83 12.40
N MET A 166 -17.77 -7.36 13.41
CA MET A 166 -17.35 -6.57 14.56
C MET A 166 -16.26 -5.52 14.24
N GLU A 167 -15.19 -5.94 13.57
CA GLU A 167 -14.06 -5.03 13.35
C GLU A 167 -14.40 -3.90 12.38
N VAL A 168 -15.26 -4.13 11.39
CA VAL A 168 -15.42 -3.13 10.30
C VAL A 168 -16.85 -2.77 9.84
N LYS A 169 -17.87 -3.47 10.30
CA LYS A 169 -19.20 -3.23 9.77
C LYS A 169 -20.02 -2.41 10.72
N ILE A 170 -20.14 -2.84 11.97
CA ILE A 170 -20.91 -2.08 12.99
C ILE A 170 -20.44 -0.64 13.16
N SER A 171 -19.13 -0.47 13.05
CA SER A 171 -18.52 0.84 13.09
C SER A 171 -18.63 1.56 11.74
N SER A 172 -19.43 1.07 10.81
CA SER A 172 -19.67 1.81 9.57
C SER A 172 -20.60 3.02 9.77
N PRO A 173 -20.58 3.94 8.77
CA PRO A 173 -21.53 5.04 8.58
C PRO A 173 -22.99 4.65 8.62
N ASP A 174 -23.33 3.51 8.00
CA ASP A 174 -24.73 3.09 7.88
C ASP A 174 -25.37 2.81 9.20
N TYR A 175 -24.56 2.59 10.23
CA TYR A 175 -25.09 2.17 11.51
C TYR A 175 -25.16 3.23 12.57
N LYS A 176 -24.51 4.37 12.35
CA LYS A 176 -24.40 5.44 13.38
C LYS A 176 -25.50 5.42 14.44
N ASP A 177 -26.76 5.42 14.01
CA ASP A 177 -27.90 5.50 14.93
C ASP A 177 -28.19 4.21 15.73
N CYS A 178 -27.16 3.44 16.07
CA CYS A 178 -27.37 2.05 16.51
C CYS A 178 -26.33 1.49 17.50
N ASN A 179 -26.84 0.78 18.50
CA ASN A 179 -25.97 -0.03 19.34
C ASN A 179 -25.46 -1.21 18.58
N SER A 180 -24.30 -1.69 18.99
CA SER A 180 -23.65 -2.81 18.37
C SER A 180 -24.54 -4.03 18.24
N ALA A 181 -25.17 -4.39 19.35
CA ALA A 181 -26.07 -5.55 19.39
C ALA A 181 -26.94 -5.67 18.12
N GLU A 182 -27.66 -4.60 17.76
CA GLU A 182 -28.65 -4.67 16.68
C GLU A 182 -27.98 -4.61 15.30
N ALA A 183 -26.91 -3.80 15.17
CA ALA A 183 -26.15 -3.69 13.91
C ALA A 183 -25.56 -5.04 13.45
N MET A 184 -25.21 -5.90 14.42
CA MET A 184 -24.81 -7.29 14.17
C MET A 184 -25.97 -8.16 13.59
N ASP A 185 -27.11 -8.22 14.27
CA ASP A 185 -28.25 -9.01 13.79
C ASP A 185 -28.61 -8.49 12.37
N ASP A 186 -28.59 -7.16 12.18
CA ASP A 186 -29.00 -6.56 10.90
C ASP A 186 -28.08 -6.98 9.77
N PHE A 187 -26.78 -7.02 10.04
CA PHE A 187 -25.84 -7.45 9.04
C PHE A 187 -25.97 -8.93 8.72
N MET A 188 -26.12 -9.76 9.74
CA MET A 188 -26.28 -11.20 9.54
C MET A 188 -27.44 -11.46 8.56
N LYS A 189 -28.57 -10.81 8.83
CA LYS A 189 -29.77 -10.96 8.03
C LYS A 189 -29.43 -10.43 6.62
N ARG A 190 -28.61 -9.40 6.58
CA ARG A 190 -28.22 -8.86 5.30
C ARG A 190 -27.32 -9.76 4.44
N ILE A 191 -26.45 -10.54 5.10
CA ILE A 191 -25.65 -11.54 4.42
C ILE A 191 -26.60 -12.53 3.75
N SER A 192 -27.56 -13.04 4.49
CA SER A 192 -28.45 -14.04 3.93
C SER A 192 -29.30 -13.58 2.74
N CYS A 193 -29.46 -12.27 2.54
CA CYS A 193 -30.09 -11.77 1.30
C CYS A 193 -29.32 -12.21 0.01
N TYR A 194 -28.03 -12.56 0.13
CA TYR A 194 -27.20 -12.98 -1.02
C TYR A 194 -27.01 -14.49 -1.13
N GLU A 195 -27.26 -15.14 0.00
CA GLU A 195 -26.93 -16.53 0.17
C GLU A 195 -27.64 -17.34 -0.91
N ALA A 196 -28.94 -17.16 -1.08
CA ALA A 196 -29.69 -18.04 -2.00
C ALA A 196 -29.25 -18.00 -3.48
N SER A 197 -28.81 -16.85 -3.99
CA SER A 197 -28.42 -16.75 -5.40
C SER A 197 -26.90 -16.84 -5.61
N TYR A 198 -26.11 -16.96 -4.55
CA TYR A 198 -24.66 -17.01 -4.71
C TYR A 198 -24.20 -18.23 -5.52
N GLN A 199 -23.57 -17.99 -6.67
CA GLN A 199 -22.95 -19.04 -7.47
C GLN A 199 -21.46 -18.78 -7.42
N PRO A 200 -20.72 -19.62 -6.71
CA PRO A 200 -19.29 -19.35 -6.63
C PRO A 200 -18.62 -19.60 -7.96
N LEU A 201 -17.46 -18.98 -8.16
CA LEU A 201 -16.70 -19.17 -9.36
C LEU A 201 -16.35 -20.65 -9.43
N ASP A 202 -16.48 -21.25 -10.61
CA ASP A 202 -16.04 -22.63 -10.84
C ASP A 202 -15.22 -22.78 -12.11
N PRO A 203 -13.92 -23.03 -11.95
CA PRO A 203 -13.01 -23.33 -13.05
C PRO A 203 -13.30 -24.59 -13.84
N ASP A 204 -13.94 -25.58 -13.25
CA ASP A 204 -14.20 -26.87 -13.94
C ASP A 204 -15.66 -26.91 -14.39
N LYS A 205 -16.17 -25.77 -14.85
CA LYS A 205 -17.57 -25.66 -15.22
C LYS A 205 -17.73 -24.29 -15.81
N CYS A 206 -18.84 -23.64 -15.49
CA CYS A 206 -19.16 -22.39 -16.13
C CYS A 206 -18.00 -21.37 -16.25
N ASP A 207 -16.90 -21.54 -15.51
CA ASP A 207 -15.77 -20.55 -15.53
C ASP A 207 -14.40 -21.13 -15.94
N ARG A 208 -14.39 -22.22 -16.74
CA ARG A 208 -13.12 -22.79 -17.30
C ARG A 208 -12.19 -21.70 -17.89
N ASP A 209 -12.75 -20.64 -18.48
CA ASP A 209 -11.96 -19.68 -19.23
C ASP A 209 -11.74 -18.36 -18.50
N LEU A 210 -11.87 -18.32 -17.19
CA LEU A 210 -11.72 -17.03 -16.53
C LEU A 210 -10.39 -16.94 -15.81
N SER A 211 -9.75 -15.79 -15.92
CA SER A 211 -8.55 -15.54 -15.20
C SER A 211 -9.01 -15.23 -13.80
N LEU A 212 -8.62 -16.02 -12.83
CA LEU A 212 -9.18 -15.83 -11.50
C LEU A 212 -8.31 -16.42 -10.42
N ILE A 213 -8.44 -15.83 -9.24
CA ILE A 213 -7.92 -16.45 -8.04
C ILE A 213 -9.04 -16.53 -7.00
N LYS A 214 -9.21 -17.75 -6.49
CA LYS A 214 -10.12 -18.06 -5.40
C LYS A 214 -9.35 -18.22 -4.06
N VAL A 215 -9.53 -17.25 -3.15
CA VAL A 215 -8.98 -17.30 -1.79
C VAL A 215 -9.90 -18.08 -0.86
N ILE A 216 -9.36 -19.14 -0.24
CA ILE A 216 -10.15 -20.00 0.58
C ILE A 216 -9.72 -19.94 2.05
N ASP A 217 -10.71 -19.72 2.94
CA ASP A 217 -10.47 -19.69 4.39
C ASP A 217 -9.32 -18.76 4.76
N VAL A 218 -9.44 -17.53 4.28
CA VAL A 218 -8.52 -16.48 4.71
C VAL A 218 -7.10 -16.93 4.44
N GLY A 219 -6.88 -17.50 3.26
CA GLY A 219 -5.51 -17.81 2.80
C GLY A 219 -4.93 -19.17 3.14
N ARG A 220 -5.71 -20.03 3.79
CA ARG A 220 -5.27 -21.38 4.04
C ARG A 220 -5.00 -22.10 2.70
N ARG A 221 -5.67 -21.67 1.63
CA ARG A 221 -5.73 -22.42 0.35
C ARG A 221 -6.18 -21.55 -0.85
N PHE A 222 -5.67 -21.86 -2.05
CA PHE A 222 -5.97 -21.07 -3.25
C PHE A 222 -6.07 -21.86 -4.51
N LEU A 223 -7.03 -21.46 -5.32
CA LEU A 223 -7.30 -22.05 -6.61
C LEU A 223 -6.97 -20.95 -7.66
N VAL A 224 -6.11 -21.26 -8.60
CA VAL A 224 -5.65 -20.21 -9.52
C VAL A 224 -5.78 -20.68 -10.93
N ASN A 225 -6.47 -19.89 -11.76
CA ASN A 225 -6.77 -20.28 -13.13
C ASN A 225 -6.37 -19.21 -14.11
N ARG A 226 -5.63 -19.60 -15.14
CA ARG A 226 -5.38 -18.77 -16.33
C ARG A 226 -4.81 -17.40 -16.06
N VAL A 227 -3.61 -17.38 -15.49
CA VAL A 227 -2.85 -16.16 -15.23
C VAL A 227 -2.27 -15.67 -16.56
N GLN A 228 -2.82 -14.58 -17.07
CA GLN A 228 -2.46 -14.08 -18.39
C GLN A 228 -1.27 -13.08 -18.45
N ASP A 229 -0.85 -12.45 -17.36
CA ASP A 229 0.22 -11.42 -17.46
C ASP A 229 1.00 -11.20 -16.15
N HIS A 230 2.01 -10.34 -16.14
CA HIS A 230 2.88 -10.22 -14.95
C HIS A 230 2.10 -9.72 -13.77
N ILE A 231 1.19 -8.79 -14.04
CA ILE A 231 0.55 -8.07 -12.96
C ILE A 231 -0.39 -8.99 -12.19
N GLN A 232 -1.00 -9.92 -12.89
CA GLN A 232 -1.76 -11.01 -12.30
C GLN A 232 -0.91 -11.97 -11.50
N SER A 233 0.18 -12.39 -12.11
CA SER A 233 1.15 -13.18 -11.43
C SER A 233 1.61 -12.45 -10.15
N ARG A 234 1.80 -11.13 -10.22
CA ARG A 234 2.31 -10.42 -9.02
C ARG A 234 1.22 -10.29 -7.96
N ILE A 235 -0.03 -10.17 -8.38
CA ILE A 235 -1.10 -10.14 -7.37
C ILE A 235 -1.09 -11.43 -6.59
N VAL A 236 -1.02 -12.56 -7.30
CA VAL A 236 -1.04 -13.84 -6.64
C VAL A 236 0.12 -13.93 -5.67
N TYR A 237 1.31 -13.49 -6.11
CA TYR A 237 2.46 -13.53 -5.22
C TYR A 237 2.20 -12.71 -3.96
N TYR A 238 1.67 -11.50 -4.13
CA TYR A 238 1.32 -10.64 -2.99
C TYR A 238 0.37 -11.36 -2.10
N LEU A 239 -0.64 -11.99 -2.67
CA LEU A 239 -1.68 -12.61 -1.82
C LEU A 239 -1.14 -13.80 -1.00
N MET A 240 -0.10 -14.45 -1.49
CA MET A 240 0.48 -15.51 -0.71
C MET A 240 1.38 -15.03 0.35
N ASN A 241 1.83 -13.78 0.22
CA ASN A 241 2.66 -13.18 1.24
C ASN A 241 1.92 -12.43 2.35
N ILE A 242 0.74 -11.85 2.08
CA ILE A 242 0.03 -11.18 3.17
C ILE A 242 -0.58 -12.17 4.19
N HIS A 243 -1.02 -11.60 5.33
CA HIS A 243 -1.71 -12.33 6.37
C HIS A 243 -2.49 -11.38 7.27
N VAL A 244 -3.24 -11.89 8.23
CA VAL A 244 -4.09 -11.02 9.07
C VAL A 244 -3.84 -11.15 10.56
N GLN A 245 -2.83 -11.92 10.92
CA GLN A 245 -2.35 -12.02 12.27
C GLN A 245 -1.97 -10.63 12.78
N PRO A 246 -2.29 -10.33 14.03
CA PRO A 246 -2.04 -8.98 14.50
C PRO A 246 -0.55 -8.83 14.82
N ARG A 247 0.03 -7.64 14.66
CA ARG A 247 1.46 -7.41 14.94
C ARG A 247 1.91 -5.93 14.85
N THR A 248 3.19 -5.70 15.06
CA THR A 248 3.67 -4.36 15.17
C THR A 248 4.92 -4.21 14.34
N ILE A 249 4.90 -3.18 13.48
CA ILE A 249 6.05 -2.74 12.72
C ILE A 249 6.61 -1.46 13.32
N TYR A 250 7.85 -1.55 13.76
CA TYR A 250 8.59 -0.40 14.28
C TYR A 250 9.60 0.10 13.27
N LEU A 251 9.55 1.38 12.95
CA LEU A 251 10.50 1.97 12.02
C LEU A 251 11.26 3.05 12.74
N CYS A 252 12.58 3.14 12.53
CA CYS A 252 13.32 4.35 12.87
C CYS A 252 14.64 4.47 12.12
N ARG A 253 15.29 5.61 12.26
CA ARG A 253 16.62 5.83 11.66
C ARG A 253 17.68 5.48 12.64
N HIS A 254 18.91 5.31 12.13
CA HIS A 254 20.12 5.30 12.92
C HIS A 254 20.25 6.51 13.79
N GLY A 255 20.83 6.37 14.99
CA GLY A 255 21.08 7.54 15.85
C GLY A 255 21.92 8.51 15.07
N GLU A 256 21.93 9.77 15.50
CA GLU A 256 22.78 10.79 14.89
C GLU A 256 24.16 10.23 14.53
N ASN A 257 24.67 10.60 13.35
CA ASN A 257 26.01 10.21 12.93
C ASN A 257 26.90 11.45 12.73
N GLU A 258 28.21 11.24 12.60
CA GLU A 258 29.14 12.35 12.34
C GLU A 258 28.65 13.30 11.20
N HIS A 259 28.35 12.74 10.03
CA HIS A 259 27.89 13.55 8.90
C HIS A 259 26.67 14.37 9.25
N ASN A 260 25.74 13.80 10.01
CA ASN A 260 24.59 14.58 10.37
C ASN A 260 25.09 15.80 11.10
N LEU A 261 26.08 15.63 11.97
CA LEU A 261 26.60 16.76 12.79
C LEU A 261 27.31 17.80 11.95
N GLN A 262 28.08 17.38 10.96
CA GLN A 262 28.57 18.30 9.95
C GLN A 262 27.48 18.78 8.98
N GLY A 263 26.23 18.33 9.10
CA GLY A 263 25.18 18.65 8.10
C GLY A 263 25.49 18.22 6.66
N ARG A 264 26.02 17.00 6.52
CA ARG A 264 26.49 16.47 5.25
C ARG A 264 25.70 15.24 4.86
N ILE A 265 25.47 15.08 3.55
CA ILE A 265 24.59 14.02 3.10
C ILE A 265 25.38 12.82 2.65
N GLY A 266 24.77 11.64 2.76
CA GLY A 266 25.40 10.41 2.34
C GLY A 266 26.57 10.03 3.19
N GLY A 267 27.48 9.28 2.59
CA GLY A 267 28.62 8.73 3.29
C GLY A 267 28.24 7.57 4.18
N ASP A 268 29.25 6.98 4.80
CA ASP A 268 29.08 5.87 5.72
C ASP A 268 29.73 6.25 7.06
N SER A 269 29.28 7.34 7.65
CA SER A 269 29.86 7.75 8.90
C SER A 269 29.27 6.92 10.08
N GLY A 270 29.95 6.91 11.21
CA GLY A 270 29.43 6.25 12.42
C GLY A 270 28.76 7.18 13.45
N LEU A 271 28.23 6.57 14.50
CA LEU A 271 27.34 7.31 15.39
C LEU A 271 28.10 8.39 16.12
N SER A 272 27.41 9.47 16.48
CA SER A 272 27.96 10.46 17.36
C SER A 272 27.81 9.96 18.78
N SER A 273 28.07 10.83 19.74
CA SER A 273 27.85 10.53 21.14
C SER A 273 26.36 10.35 21.36
N ARG A 274 25.60 11.40 21.10
CA ARG A 274 24.14 11.32 21.13
C ARG A 274 23.57 10.11 20.34
N GLY A 275 24.19 9.80 19.19
CA GLY A 275 23.85 8.60 18.45
C GLY A 275 23.80 7.38 19.37
N LYS A 276 24.92 7.17 20.06
CA LYS A 276 25.13 5.98 20.91
C LYS A 276 24.12 6.00 22.06
N LYS A 277 23.90 7.18 22.66
CA LYS A 277 22.89 7.29 23.73
C LYS A 277 21.53 6.79 23.18
N PHE A 278 21.13 7.27 21.99
CA PHE A 278 19.86 6.81 21.41
C PHE A 278 19.83 5.31 21.15
N ALA A 279 20.93 4.75 20.63
CA ALA A 279 21.00 3.29 20.49
C ALA A 279 20.56 2.68 21.81
N SER A 280 21.18 3.20 22.87
CA SER A 280 20.98 2.66 24.19
C SER A 280 19.54 2.84 24.69
N ALA A 281 18.96 4.00 24.39
CA ALA A 281 17.59 4.29 24.76
C ALA A 281 16.65 3.35 24.01
N LEU A 282 17.01 3.05 22.75
CA LEU A 282 16.21 2.13 21.94
C LEU A 282 16.15 0.73 22.51
N SER A 283 17.27 0.26 23.08
CA SER A 283 17.26 -1.05 23.73
C SER A 283 16.26 -1.07 24.88
N LYS A 284 16.33 -0.07 25.77
CA LYS A 284 15.37 0.03 26.89
C LYS A 284 13.96 0.12 26.30
N PHE A 285 13.82 0.76 25.14
CA PHE A 285 12.51 0.89 24.52
C PHE A 285 11.90 -0.42 24.03
N VAL A 286 12.68 -1.23 23.33
CA VAL A 286 12.26 -2.57 22.90
C VAL A 286 11.98 -3.49 24.09
N GLU A 287 12.84 -3.47 25.08
CA GLU A 287 12.60 -4.30 26.26
C GLU A 287 11.22 -4.06 26.83
N GLU A 288 10.92 -2.82 27.12
CA GLU A 288 9.66 -2.52 27.77
C GLU A 288 8.44 -2.63 26.83
N GLN A 289 8.65 -2.77 25.52
CA GLN A 289 7.56 -3.19 24.61
C GLN A 289 7.11 -4.60 24.87
N ASN A 290 7.99 -5.41 25.45
CA ASN A 290 7.66 -6.76 25.86
C ASN A 290 7.00 -7.56 24.73
N LEU A 291 7.80 -7.93 23.74
CA LEU A 291 7.35 -8.61 22.53
C LEU A 291 7.89 -10.04 22.53
N LYS A 292 6.99 -11.03 22.42
CA LYS A 292 7.40 -12.45 22.48
C LYS A 292 8.55 -12.72 21.51
N ASP A 293 8.44 -12.18 20.30
CA ASP A 293 9.46 -12.33 19.27
C ASP A 293 9.55 -11.02 18.49
N LEU A 294 10.66 -10.82 17.77
CA LEU A 294 10.90 -9.56 17.04
C LEU A 294 12.06 -9.72 16.10
N ARG A 295 11.87 -9.43 14.80
CA ARG A 295 12.98 -9.39 13.87
C ARG A 295 13.56 -7.99 13.79
N VAL A 296 14.88 -7.89 13.68
CA VAL A 296 15.52 -6.58 13.46
C VAL A 296 16.26 -6.48 12.12
N TRP A 297 15.98 -5.44 11.35
CA TRP A 297 16.65 -5.24 10.10
C TRP A 297 17.38 -3.95 10.08
N THR A 298 18.52 -3.92 9.39
CA THR A 298 19.27 -2.69 9.22
C THR A 298 19.67 -2.59 7.77
N SER A 299 20.31 -1.46 7.44
CA SER A 299 21.02 -1.32 6.16
C SER A 299 22.43 -1.96 6.31
N GLN A 300 23.28 -1.78 5.29
CA GLN A 300 24.64 -2.29 5.33
C GLN A 300 25.62 -1.19 5.69
N LEU A 301 25.10 -0.04 6.12
CA LEU A 301 25.88 1.10 6.57
C LEU A 301 26.05 1.11 8.10
N LYS A 302 27.20 1.61 8.52
CA LYS A 302 27.69 1.54 9.89
C LYS A 302 26.65 2.07 10.93
N SER A 303 26.19 3.29 10.73
CA SER A 303 25.08 3.86 11.52
C SER A 303 23.97 2.90 11.95
N THR A 304 23.26 2.33 10.99
CA THR A 304 22.18 1.45 11.33
C THR A 304 22.72 0.22 12.08
N ILE A 305 23.88 -0.31 11.66
CA ILE A 305 24.43 -1.52 12.29
C ILE A 305 24.88 -1.30 13.75
N GLN A 306 25.51 -0.18 14.02
CA GLN A 306 25.88 0.12 15.39
C GLN A 306 24.64 0.20 16.28
N THR A 307 23.61 0.86 15.76
CA THR A 307 22.37 1.02 16.51
C THR A 307 21.88 -0.40 16.83
N ALA A 308 21.85 -1.30 15.84
CA ALA A 308 21.42 -2.69 16.13
C ALA A 308 22.22 -3.36 17.27
N GLU A 309 23.55 -3.23 17.17
CA GLU A 309 24.45 -3.80 18.17
C GLU A 309 23.99 -3.50 19.60
N ALA A 310 23.55 -2.25 19.85
CA ALA A 310 23.05 -1.85 21.16
C ALA A 310 21.93 -2.74 21.69
N LEU A 311 21.16 -3.37 20.81
CA LEU A 311 19.95 -4.05 21.26
C LEU A 311 20.21 -5.43 21.87
N ARG A 312 21.44 -5.92 21.65
CA ARG A 312 21.87 -7.30 21.92
C ARG A 312 20.88 -8.40 21.41
N LEU A 313 20.13 -8.10 20.34
CA LEU A 313 19.26 -9.06 19.67
C LEU A 313 19.83 -9.35 18.26
N PRO A 314 19.52 -10.53 17.71
CA PRO A 314 20.12 -10.83 16.44
C PRO A 314 19.46 -10.03 15.33
N TYR A 315 20.22 -9.64 14.29
CA TYR A 315 19.64 -8.84 13.19
C TYR A 315 20.22 -9.20 11.80
N GLU A 316 19.59 -8.69 10.73
CA GLU A 316 20.01 -8.90 9.36
C GLU A 316 20.19 -7.57 8.61
N GLN A 317 21.23 -7.46 7.79
CA GLN A 317 21.47 -6.25 7.01
C GLN A 317 20.85 -6.43 5.63
N TRP A 318 20.23 -5.39 5.08
CA TRP A 318 19.66 -5.41 3.74
C TRP A 318 20.31 -4.31 2.98
N LYS A 319 20.95 -4.63 1.86
CA LYS A 319 21.45 -3.61 0.94
C LYS A 319 20.30 -2.75 0.49
N ALA A 320 19.11 -3.32 0.28
CA ALA A 320 17.93 -2.48 -0.12
C ALA A 320 17.71 -1.30 0.84
N LEU A 321 17.98 -1.48 2.13
CA LEU A 321 17.77 -0.41 3.07
C LEU A 321 18.81 0.75 3.01
N ASN A 322 19.89 0.63 2.25
CA ASN A 322 20.88 1.75 2.20
C ASN A 322 20.25 3.10 1.80
N GLU A 323 20.72 4.22 2.36
CA GLU A 323 20.12 5.51 2.02
C GLU A 323 20.29 5.83 0.51
N ILE A 324 19.41 6.68 0.01
CA ILE A 324 19.44 7.16 -1.37
C ILE A 324 20.88 7.53 -1.72
N ASP A 325 21.31 7.15 -2.91
CA ASP A 325 22.66 7.49 -3.38
C ASP A 325 22.73 8.88 -4.02
N ALA A 326 23.43 9.81 -3.39
CA ALA A 326 23.48 11.22 -3.87
C ALA A 326 24.44 11.43 -5.04
N GLY A 327 25.07 10.35 -5.52
CA GLY A 327 25.90 10.41 -6.73
C GLY A 327 27.13 11.25 -6.52
N VAL A 328 27.44 12.12 -7.47
CA VAL A 328 28.56 13.08 -7.29
C VAL A 328 28.42 13.94 -6.03
N CYS A 329 27.19 14.21 -5.60
CA CYS A 329 26.95 14.99 -4.39
C CYS A 329 27.18 14.28 -3.07
N GLU A 330 27.56 13.02 -3.11
CA GLU A 330 27.85 12.31 -1.86
C GLU A 330 28.86 13.08 -1.02
N GLU A 331 28.57 13.15 0.27
CA GLU A 331 29.43 13.76 1.31
C GLU A 331 29.45 15.30 1.34
N LEU A 332 28.78 15.94 0.37
CA LEU A 332 28.63 17.40 0.35
C LEU A 332 27.53 17.88 1.30
N THR A 333 27.56 19.17 1.62
CA THR A 333 26.52 19.78 2.41
C THR A 333 25.58 20.44 1.44
N TYR A 334 24.35 20.69 1.86
CA TYR A 334 23.31 21.25 0.98
C TYR A 334 23.78 22.58 0.40
N GLU A 335 24.45 23.40 1.23
CA GLU A 335 24.95 24.70 0.80
C GLU A 335 25.95 24.45 -0.32
N GLU A 336 26.99 23.65 -0.04
CA GLU A 336 27.97 23.26 -1.08
C GLU A 336 27.33 22.75 -2.37
N ILE A 337 26.28 21.93 -2.25
CA ILE A 337 25.50 21.53 -3.40
C ILE A 337 24.89 22.72 -4.15
N ARG A 338 24.27 23.69 -3.44
CA ARG A 338 23.76 24.91 -4.11
C ARG A 338 24.93 25.64 -4.76
N ASP A 339 26.00 25.90 -4.01
CA ASP A 339 27.15 26.64 -4.60
C ASP A 339 27.76 25.88 -5.82
N THR A 340 28.12 24.61 -5.68
CA THR A 340 28.76 23.84 -6.79
C THR A 340 27.85 23.42 -7.98
N TYR A 341 26.59 23.11 -7.73
CA TYR A 341 25.70 22.67 -8.79
C TYR A 341 24.32 23.34 -8.65
N PRO A 342 24.19 24.58 -9.09
CA PRO A 342 22.88 25.24 -9.01
C PRO A 342 21.81 24.65 -9.92
N GLU A 343 22.15 24.34 -11.18
CA GLU A 343 21.14 23.78 -12.07
C GLU A 343 20.50 22.57 -11.31
N GLU A 344 21.34 21.71 -10.72
CA GLU A 344 20.87 20.48 -10.09
C GLU A 344 19.92 20.70 -8.94
N TYR A 345 20.32 21.58 -8.03
CA TYR A 345 19.52 21.92 -6.83
C TYR A 345 18.09 22.38 -7.17
N ALA A 346 17.98 23.36 -8.06
CA ALA A 346 16.68 23.80 -8.56
C ALA A 346 15.80 22.62 -9.04
N LEU A 347 16.33 21.83 -9.97
CA LEU A 347 15.57 20.72 -10.55
C LEU A 347 15.13 19.83 -9.42
N ARG A 348 16.05 19.57 -8.49
CA ARG A 348 15.66 18.73 -7.37
C ARG A 348 14.45 19.31 -6.65
N GLU A 349 14.55 20.59 -6.27
CA GLU A 349 13.48 21.29 -5.57
C GLU A 349 12.17 21.30 -6.31
N GLN A 350 12.14 21.38 -7.63
CA GLN A 350 10.83 21.35 -8.32
C GLN A 350 10.31 19.95 -8.71
N ASP A 351 11.17 18.93 -8.69
CA ASP A 351 10.67 17.54 -8.78
C ASP A 351 11.35 16.43 -7.86
N LYS A 352 11.14 16.54 -6.56
CA LYS A 352 11.94 15.78 -5.60
C LYS A 352 11.75 14.25 -5.71
N TYR A 353 10.61 13.79 -6.19
CA TYR A 353 10.39 12.33 -6.33
C TYR A 353 11.10 11.66 -7.48
N TYR A 354 11.17 12.35 -8.63
CA TYR A 354 11.71 11.82 -9.89
C TYR A 354 13.13 12.31 -10.14
N TYR A 355 13.59 13.32 -9.38
CA TYR A 355 14.91 13.88 -9.65
C TYR A 355 15.90 12.83 -9.22
N ARG A 356 16.90 12.63 -10.05
CA ARG A 356 17.93 11.67 -9.80
C ARG A 356 19.24 12.43 -9.80
N TYR A 357 20.09 12.17 -8.81
CA TYR A 357 21.42 12.81 -8.75
C TYR A 357 22.27 12.28 -9.88
N PRO A 358 23.21 13.08 -10.37
CA PRO A 358 24.16 12.56 -11.35
C PRO A 358 24.98 11.38 -10.79
N THR A 359 24.90 10.26 -11.52
CA THR A 359 25.49 8.96 -11.13
C THR A 359 24.90 8.40 -9.83
N GLY A 360 23.72 8.87 -9.44
CA GLY A 360 23.05 8.40 -8.23
C GLY A 360 21.57 8.11 -8.40
N GLU A 361 20.81 8.39 -7.36
CA GLU A 361 19.44 7.89 -7.29
C GLU A 361 18.31 8.93 -7.12
N SER A 362 17.09 8.42 -7.17
CA SER A 362 15.87 9.18 -7.14
C SER A 362 14.95 8.48 -6.15
N TYR A 363 13.94 9.14 -5.57
CA TYR A 363 13.05 8.42 -4.64
C TYR A 363 12.36 7.23 -5.35
N GLN A 364 11.90 7.48 -6.56
CA GLN A 364 11.41 6.42 -7.43
C GLN A 364 12.32 5.19 -7.49
N ASP A 365 13.62 5.40 -7.67
CA ASP A 365 14.60 4.30 -7.67
C ASP A 365 14.50 3.51 -6.37
N LEU A 366 14.34 4.21 -5.24
CA LEU A 366 14.19 3.54 -3.94
C LEU A 366 12.99 2.60 -3.96
N VAL A 367 11.89 3.13 -4.42
CA VAL A 367 10.68 2.36 -4.37
C VAL A 367 10.87 1.07 -5.13
N GLN A 368 11.67 1.07 -6.22
CA GLN A 368 11.93 -0.18 -6.92
C GLN A 368 12.69 -1.08 -5.93
N ARG A 369 13.82 -0.58 -5.51
CA ARG A 369 14.72 -1.27 -4.57
C ARG A 369 14.08 -1.86 -3.32
N LEU A 370 13.08 -1.14 -2.78
CA LEU A 370 12.51 -1.42 -1.48
C LEU A 370 11.28 -2.34 -1.57
N GLU A 371 10.97 -2.78 -2.78
CA GLU A 371 9.80 -3.62 -2.98
C GLU A 371 9.98 -4.97 -2.26
N PRO A 372 11.17 -5.54 -2.34
CA PRO A 372 11.38 -6.77 -1.58
C PRO A 372 11.30 -6.59 -0.07
N VAL A 373 11.62 -5.41 0.40
CA VAL A 373 11.52 -5.16 1.84
C VAL A 373 10.04 -5.14 2.22
N ILE A 374 9.23 -4.37 1.48
CA ILE A 374 7.78 -4.37 1.61
C ILE A 374 7.22 -5.80 1.57
N MET A 375 7.56 -6.55 0.55
CA MET A 375 7.09 -7.93 0.51
C MET A 375 7.52 -8.79 1.73
N GLU A 376 8.74 -8.70 2.26
CA GLU A 376 9.03 -9.46 3.49
C GLU A 376 8.28 -8.92 4.71
N LEU A 377 8.13 -7.60 4.84
CA LEU A 377 7.38 -7.05 5.95
C LEU A 377 5.95 -7.61 5.99
N GLU A 378 5.31 -7.81 4.84
CA GLU A 378 3.97 -8.36 4.83
C GLU A 378 4.00 -9.78 5.37
N ARG A 379 5.06 -10.52 5.04
CA ARG A 379 5.19 -11.92 5.45
C ARG A 379 5.29 -12.04 6.96
N GLN A 380 5.99 -11.10 7.59
CA GLN A 380 6.44 -11.22 8.97
C GLN A 380 5.38 -10.81 9.98
N GLU A 381 5.79 -10.85 11.25
CA GLU A 381 4.96 -10.40 12.34
C GLU A 381 5.53 -9.09 13.01
N ASN A 382 6.45 -9.18 13.95
CA ASN A 382 6.95 -8.00 14.60
C ASN A 382 8.31 -7.71 13.97
N VAL A 383 8.57 -6.47 13.60
CA VAL A 383 9.85 -6.14 12.93
C VAL A 383 10.24 -4.72 13.24
N LEU A 384 11.49 -4.54 13.67
CA LEU A 384 12.07 -3.22 13.83
C LEU A 384 12.95 -2.97 12.65
N VAL A 385 12.69 -1.90 11.91
CA VAL A 385 13.50 -1.59 10.74
C VAL A 385 14.28 -0.33 11.07
N ILE A 386 15.62 -0.46 11.14
CA ILE A 386 16.49 0.68 11.39
C ILE A 386 17.17 1.13 10.12
N CYS A 387 16.73 2.25 9.58
CA CYS A 387 17.21 2.67 8.28
C CYS A 387 17.61 4.16 8.22
N HIS A 388 17.24 4.84 7.13
CA HIS A 388 17.73 6.16 6.82
C HIS A 388 16.57 7.04 6.51
N GLN A 389 16.78 8.34 6.38
CA GLN A 389 15.68 9.29 6.18
C GLN A 389 14.82 9.03 4.92
N ALA A 390 15.42 9.05 3.73
CA ALA A 390 14.64 8.77 2.48
C ALA A 390 14.08 7.33 2.46
N VAL A 391 14.89 6.36 2.82
CA VAL A 391 14.35 5.02 2.89
C VAL A 391 13.09 5.04 3.76
N LEU A 392 13.21 5.66 4.93
CA LEU A 392 12.13 5.68 5.88
C LEU A 392 10.93 6.31 5.26
N ARG A 393 11.10 7.42 4.56
CA ARG A 393 9.95 8.06 3.90
C ARG A 393 9.18 7.14 2.96
N CYS A 394 9.88 6.47 2.06
CA CYS A 394 9.26 5.44 1.27
C CYS A 394 8.46 4.43 2.05
N LEU A 395 9.11 3.72 2.97
CA LEU A 395 8.39 2.67 3.64
C LEU A 395 7.09 3.33 4.17
N LEU A 396 7.24 4.51 4.75
CA LEU A 396 6.14 5.11 5.49
C LEU A 396 5.02 5.48 4.55
N ALA A 397 5.38 5.93 3.35
CA ALA A 397 4.41 6.12 2.26
C ALA A 397 3.59 4.85 1.96
N TYR A 398 4.24 3.71 1.86
CA TYR A 398 3.52 2.47 1.59
C TYR A 398 2.50 2.27 2.65
N PHE A 399 2.93 2.41 3.88
CA PHE A 399 2.09 2.03 5.02
C PHE A 399 1.01 3.05 5.30
N LEU A 400 1.26 4.32 5.08
CA LEU A 400 0.21 5.30 5.37
C LEU A 400 -0.50 5.77 4.12
N ASP A 401 -0.39 4.98 3.07
CA ASP A 401 -0.93 5.31 1.78
C ASP A 401 -0.67 6.75 1.28
N LYS A 402 0.53 7.27 1.51
CA LYS A 402 0.91 8.58 0.95
C LYS A 402 1.35 8.54 -0.53
N SER A 403 1.15 9.67 -1.19
CA SER A 403 1.40 9.79 -2.61
C SER A 403 2.89 9.96 -2.88
N ALA A 404 3.26 9.94 -4.15
CA ALA A 404 4.62 10.26 -4.57
C ALA A 404 4.92 11.75 -4.39
N GLU A 405 3.87 12.56 -4.46
CA GLU A 405 4.00 14.03 -4.43
C GLU A 405 4.41 14.44 -3.03
N GLU A 406 3.88 13.74 -2.01
CA GLU A 406 4.16 14.07 -0.58
C GLU A 406 5.31 13.24 0.06
N MET A 407 5.60 12.08 -0.52
CA MET A 407 6.66 11.21 -0.01
C MET A 407 8.00 11.91 0.33
N PRO A 408 8.56 12.68 -0.60
CA PRO A 408 9.88 13.23 -0.31
C PRO A 408 9.88 14.30 0.78
N TYR A 409 8.71 14.58 1.33
CA TYR A 409 8.58 15.58 2.38
C TYR A 409 8.03 15.04 3.74
N LEU A 410 7.59 13.77 3.81
CA LEU A 410 7.23 13.18 5.12
C LEU A 410 8.33 13.38 6.20
N LYS A 411 7.94 13.72 7.43
CA LYS A 411 8.86 14.13 8.48
C LYS A 411 9.32 12.88 9.19
N CYS A 412 10.61 12.76 9.42
CA CYS A 412 11.17 11.56 9.99
C CYS A 412 12.28 11.96 10.88
N PRO A 413 11.93 12.50 12.04
CA PRO A 413 12.99 13.05 12.83
C PRO A 413 13.96 11.98 13.34
N LEU A 414 15.19 12.39 13.67
CA LEU A 414 16.15 11.52 14.33
C LEU A 414 15.64 11.15 15.71
N HIS A 415 16.25 10.13 16.27
CA HIS A 415 15.91 9.65 17.59
C HIS A 415 14.44 9.47 17.94
N THR A 416 13.52 9.50 16.97
CA THR A 416 12.10 9.11 17.21
C THR A 416 11.80 7.74 16.60
N VAL A 417 10.94 6.97 17.23
CA VAL A 417 10.54 5.64 16.74
C VAL A 417 9.10 5.69 16.24
N LEU A 418 8.83 5.12 15.08
CA LEU A 418 7.45 5.06 14.56
C LEU A 418 6.82 3.68 14.74
N LYS A 419 5.71 3.62 15.48
CA LYS A 419 5.07 2.36 15.83
C LYS A 419 3.77 2.23 15.06
N LEU A 420 3.71 1.28 14.12
CA LEU A 420 2.58 1.13 13.20
C LEU A 420 1.83 -0.13 13.54
N THR A 421 0.51 -0.02 13.70
CA THR A 421 -0.30 -1.18 14.00
C THR A 421 -1.37 -1.28 12.96
N PRO A 422 -1.29 -2.31 12.11
CA PRO A 422 -2.33 -2.64 11.19
C PRO A 422 -3.60 -2.97 11.96
N VAL A 423 -4.72 -2.49 11.42
CA VAL A 423 -5.94 -2.35 12.16
C VAL A 423 -7.03 -2.14 11.12
N ALA A 424 -8.27 -2.56 11.41
CA ALA A 424 -9.47 -2.26 10.59
C ALA A 424 -9.09 -1.99 9.11
N TYR A 425 -9.31 -0.77 8.59
CA TYR A 425 -8.83 -0.41 7.22
C TYR A 425 -7.62 0.54 7.22
N GLY A 426 -6.57 0.17 7.96
CA GLY A 426 -5.24 0.71 7.70
C GLY A 426 -4.32 0.54 8.88
N CYS A 427 -3.90 1.68 9.43
CA CYS A 427 -2.79 1.68 10.36
C CYS A 427 -2.84 2.76 11.42
N ARG A 428 -2.95 2.37 12.68
CA ARG A 428 -2.62 3.26 13.78
C ARG A 428 -1.11 3.59 13.61
N VAL A 429 -0.73 4.83 13.87
CA VAL A 429 0.69 5.20 13.87
C VAL A 429 0.89 6.06 15.08
N GLU A 430 1.65 5.57 16.06
CA GLU A 430 2.04 6.38 17.20
C GLU A 430 3.48 6.83 16.96
N SER A 431 3.88 7.93 17.57
CA SER A 431 5.28 8.35 17.53
C SER A 431 5.86 8.15 18.91
N ILE A 432 7.13 7.80 19.00
CA ILE A 432 7.74 7.75 20.33
C ILE A 432 9.16 8.31 20.29
N TYR A 433 9.31 9.51 20.86
CA TYR A 433 10.60 10.16 20.90
C TYR A 433 11.38 9.67 22.11
N LEU A 434 12.58 9.16 21.88
CA LEU A 434 13.34 8.58 22.98
C LEU A 434 14.23 9.55 23.81
N ASN A 435 13.95 10.86 23.75
CA ASN A 435 14.51 11.82 24.72
C ASN A 435 16.04 11.89 24.67
N VAL A 436 16.57 12.16 23.48
CA VAL A 436 18.01 12.30 23.27
C VAL A 436 18.17 13.34 22.14
N GLU A 437 18.81 14.47 22.47
CA GLU A 437 18.96 15.54 21.50
C GLU A 437 19.63 15.04 20.23
N SER A 438 19.31 15.71 19.12
CA SER A 438 20.00 15.52 17.83
C SER A 438 19.87 16.75 16.99
N VAL A 439 20.54 16.76 15.83
CA VAL A 439 20.35 17.81 14.83
C VAL A 439 19.07 17.51 14.04
N CYS A 440 18.39 18.56 13.58
CA CYS A 440 17.20 18.39 12.71
C CYS A 440 17.67 18.33 11.27
N THR A 441 17.67 17.14 10.69
CA THR A 441 18.04 16.98 9.28
C THR A 441 16.83 17.14 8.30
N HIS A 442 15.75 17.83 8.72
CA HIS A 442 14.65 18.17 7.80
C HIS A 442 14.89 19.51 7.10
N ARG A 443 14.06 19.82 6.12
CA ARG A 443 14.07 21.10 5.40
C ARG A 443 12.69 21.26 4.72
N GLU A 444 11.97 22.32 5.09
CA GLU A 444 10.50 22.38 4.95
C GLU A 444 9.99 21.96 3.54
N ARG A 445 8.71 21.57 3.45
CA ARG A 445 8.06 21.22 2.15
C ARG A 445 8.08 22.43 1.17
N SER A 446 9.17 22.51 0.39
CA SER A 446 9.64 23.76 -0.24
C SER A 446 9.12 23.94 -1.69
P PO4 B . -16.58 -7.53 2.57
O1 PO4 B . -15.89 -7.64 3.89
O2 PO4 B . -16.41 -8.83 1.80
O3 PO4 B . -16.01 -6.43 1.68
O4 PO4 B . -18.04 -7.28 2.91
P PO4 C . -24.03 -4.34 -3.95
O1 PO4 C . -22.99 -3.35 -4.47
O2 PO4 C . -24.54 -5.23 -5.06
O3 PO4 C . -25.19 -3.53 -3.40
O4 PO4 C . -23.30 -5.17 -2.89
P PO4 D . -17.78 -3.33 2.21
O1 PO4 D . -17.09 -4.13 1.11
O2 PO4 D . -19.13 -3.98 2.51
O3 PO4 D . -18.00 -1.92 1.70
O4 PO4 D . -16.95 -3.25 3.52
CAM 8R2 E . -9.88 -12.72 3.61
CAY 8R2 E . -10.53 -12.23 4.68
CAW 8R2 E . -11.68 -12.56 5.28
CAF 8R2 E . -12.55 -13.61 4.93
NAA 8R2 E . -13.33 -14.51 4.68
CAS 8R2 E . -11.90 -11.74 6.29
NAB 8R2 E . -12.92 -11.74 7.13
NAP 8R2 E . -10.89 -10.86 6.33
CAX 8R2 E . -10.04 -11.16 5.34
CAL 8R2 E . -8.88 -10.59 4.94
CAK 8R2 E . -8.16 -11.07 3.86
CAV 8R2 E . -8.68 -12.16 3.17
OAQ 8R2 E . -8.03 -12.68 2.11
CAU 8R2 E . -6.78 -13.20 2.34
CAJ 8R2 E . -6.36 -13.73 3.55
CAH 8R2 E . -5.06 -14.25 3.70
CAI 8R2 E . -5.91 -13.22 1.28
CAG 8R2 E . -4.64 -13.74 1.42
CAT 8R2 E . -4.16 -14.26 2.62
NAO 8R2 E . -2.91 -14.74 2.61
C 8R2 E . -2.46 -15.68 3.47
O 8R2 E . -3.12 -16.18 4.39
CA 8R2 E . -1.06 -16.23 3.20
N 8R2 E . -0.19 -16.18 4.41
CB 8R2 E . -1.33 -17.65 2.72
OG 8R2 E . -0.30 -17.91 1.78
P1 FDP F . 20.23 9.56 7.47
O1P FDP F . 21.41 8.58 7.43
O2P FDP F . 20.46 10.64 8.53
O3P FDP F . 18.92 8.91 7.90
O1 FDP F . 20.06 14.00 5.74
C1 FDP F . 20.54 12.73 6.21
C2 FDP F . 20.20 11.57 5.23
O2 FDP F . 20.17 10.18 5.86
C3 FDP F . 21.13 11.72 3.98
O3 FDP F . 21.95 10.58 3.77
C4 FDP F . 20.18 11.90 2.79
O4 FDP F . 20.65 12.57 1.63
C5 FDP F . 19.05 12.67 3.39
O5 FDP F . 18.93 11.99 4.67
C6 FDP F . 17.79 12.62 2.52
O6 FDP F . 17.08 13.85 2.58
P2 FDP F . 16.30 14.45 1.29
O4P FDP F . 17.38 14.77 0.27
O5P FDP F . 15.40 13.29 0.93
O6P FDP F . 15.63 15.74 1.72
#